data_9P46
#
_entry.id   9P46
#
_cell.length_a   106.330
_cell.length_b   106.330
_cell.length_c   121.410
_cell.angle_alpha   90.00
_cell.angle_beta   90.00
_cell.angle_gamma   120.00
#
_symmetry.space_group_name_H-M   'P 63 2 2'
#
loop_
_entity.id
_entity.type
_entity.pdbx_description
1 polymer 'GTPase HRas'
2 non-polymer 'PHOSPHOAMINOPHOSPHONIC ACID-GUANYLATE ESTER'
3 non-polymer 'MAGNESIUM ION'
4 non-polymer 'methyl (3S)-3-{[(7P)-7-(2-amino-3-cyano-7-fluoro-1-benzothiophen-4-yl)-8-fluoro-2-{[(2R,4R,7aS)-2-fluorotetrahydro-1H-pyrrolizin-7a(5H)-yl]methoxy}-6-(trifluoromethyl)quinazolin-4-yl](ethyl)amino}pyrrolidine-1-carboxylate'
5 water water
#
_entity_poly.entity_id   1
_entity_poly.type   'polypeptide(L)'
_entity_poly.pdbx_seq_one_letter_code
;GMTEYKLVVVGADGVGKSALTIQLIQNHFVDEYDPTIEDSYRKQVVIDGETCLLDILDTAGQEEYSAMRDQYMRTGEGFL
CVFAINNTKSFEDIHHYREQIKRVKDSDDVPMVLVGNKSDLAARTVESRQAQDLARSYGIPYIETSAKTRQGVEDAFYTL
VREIRQHKLR
;
_entity_poly.pdbx_strand_id   A,B
#
# COMPACT_ATOMS: atom_id res chain seq x y z
N GLY A 1 -13.93 16.74 -33.84
CA GLY A 1 -15.01 16.14 -33.07
C GLY A 1 -14.97 16.53 -31.60
N MET A 2 -15.37 15.60 -30.73
CA MET A 2 -15.38 15.85 -29.30
C MET A 2 -14.50 14.84 -28.59
N THR A 3 -13.68 15.33 -27.66
CA THR A 3 -12.72 14.49 -26.97
C THR A 3 -13.43 13.47 -26.09
N GLU A 4 -12.97 12.23 -26.14
CA GLU A 4 -13.56 11.13 -25.39
C GLU A 4 -12.55 10.63 -24.37
N TYR A 5 -13.02 10.30 -23.17
CA TYR A 5 -12.19 9.75 -22.11
C TYR A 5 -12.75 8.39 -21.72
N LYS A 6 -11.94 7.35 -21.86
CA LYS A 6 -12.34 6.01 -21.44
C LYS A 6 -11.92 5.80 -20.00
N LEU A 7 -12.90 5.71 -19.11
CA LEU A 7 -12.69 5.50 -17.68
C LEU A 7 -13.13 4.08 -17.35
N VAL A 8 -12.41 3.47 -16.41
CA VAL A 8 -12.71 2.13 -15.91
C VAL A 8 -12.86 2.22 -14.41
N VAL A 9 -13.99 1.75 -13.90
CA VAL A 9 -14.25 1.74 -12.47
C VAL A 9 -14.00 0.32 -11.95
N VAL A 10 -13.09 0.20 -10.98
CA VAL A 10 -12.69 -1.10 -10.45
C VAL A 10 -12.68 -1.06 -8.93
N GLY A 11 -12.65 -2.24 -8.32
CA GLY A 11 -12.77 -2.37 -6.88
C GLY A 11 -13.56 -3.60 -6.45
N ALA A 12 -13.52 -3.94 -5.17
CA ALA A 12 -14.10 -5.17 -4.65
C ALA A 12 -15.62 -5.19 -4.86
N ASP A 13 -16.18 -6.39 -4.78
CA ASP A 13 -17.62 -6.54 -4.91
C ASP A 13 -18.33 -5.71 -3.84
N GLY A 14 -19.40 -5.04 -4.26
CA GLY A 14 -20.26 -4.31 -3.36
C GLY A 14 -19.77 -2.95 -2.90
N VAL A 15 -18.65 -2.47 -3.40
CA VAL A 15 -18.18 -1.17 -2.91
C VAL A 15 -18.95 -0.01 -3.50
N GLY A 16 -19.70 -0.24 -4.58
CA GLY A 16 -20.54 0.80 -5.16
C GLY A 16 -20.08 1.29 -6.53
N LYS A 17 -19.37 0.41 -7.26
CA LYS A 17 -18.95 0.75 -8.61
C LYS A 17 -20.16 1.13 -9.47
N SER A 18 -21.20 0.31 -9.45
CA SER A 18 -22.36 0.57 -10.29
C SER A 18 -23.11 1.82 -9.82
N ALA A 19 -23.34 1.93 -8.51
CA ALA A 19 -24.06 3.09 -7.97
C ALA A 19 -23.34 4.40 -8.32
N LEU A 20 -22.01 4.43 -8.17
CA LEU A 20 -21.26 5.63 -8.53
C LEU A 20 -21.44 5.96 -10.00
N THR A 21 -21.25 4.97 -10.87
CA THR A 21 -21.39 5.17 -12.32
C THR A 21 -22.79 5.63 -12.69
N ILE A 22 -23.82 4.91 -12.24
CA ILE A 22 -25.20 5.28 -12.54
C ILE A 22 -25.55 6.65 -11.95
N GLN A 23 -25.05 6.95 -10.76
CA GLN A 23 -25.27 8.28 -10.20
C GLN A 23 -24.69 9.36 -11.10
N LEU A 24 -23.43 9.20 -11.50
CA LEU A 24 -22.82 10.20 -12.37
C LEU A 24 -23.53 10.32 -13.70
N ILE A 25 -23.86 9.18 -14.32
CA ILE A 25 -24.34 9.14 -15.69
C ILE A 25 -25.84 9.40 -15.78
N GLN A 26 -26.64 8.67 -14.98
CA GLN A 26 -28.09 8.73 -15.05
C GLN A 26 -28.71 9.60 -13.96
N ASN A 27 -27.90 10.12 -13.04
CA ASN A 27 -28.35 11.08 -12.04
C ASN A 27 -29.36 10.52 -11.05
N HIS A 28 -29.28 9.24 -10.69
CA HIS A 28 -30.10 8.74 -9.60
C HIS A 28 -29.35 7.62 -8.89
N PHE A 29 -29.82 7.31 -7.68
CA PHE A 29 -29.20 6.29 -6.84
C PHE A 29 -29.96 4.98 -7.03
N VAL A 30 -29.22 3.90 -7.25
CA VAL A 30 -29.81 2.56 -7.29
C VAL A 30 -29.53 1.86 -5.97
N ASP A 31 -30.59 1.32 -5.35
CA ASP A 31 -30.46 0.62 -4.08
C ASP A 31 -30.08 -0.85 -4.24
N GLU A 32 -30.36 -1.45 -5.40
CA GLU A 32 -29.93 -2.81 -5.73
C GLU A 32 -29.57 -2.82 -7.21
N TYR A 33 -28.36 -3.29 -7.52
CA TYR A 33 -28.00 -3.48 -8.91
C TYR A 33 -27.38 -4.84 -9.18
N ILE A 37 -23.96 -7.34 -13.68
CA ILE A 37 -23.91 -6.76 -15.02
C ILE A 37 -22.68 -5.88 -15.20
N GLU A 38 -21.80 -6.22 -16.14
CA GLU A 38 -20.73 -5.33 -16.57
C GLU A 38 -21.21 -4.59 -17.81
N ASP A 39 -21.04 -3.28 -17.84
CA ASP A 39 -21.54 -2.52 -18.98
C ASP A 39 -20.82 -1.18 -19.01
N SER A 40 -21.00 -0.49 -20.13
CA SER A 40 -20.40 0.82 -20.36
C SER A 40 -21.49 1.89 -20.37
N TYR A 41 -21.16 3.04 -19.82
CA TYR A 41 -22.08 4.16 -19.66
C TYR A 41 -21.42 5.41 -20.21
N ARG A 42 -22.19 6.20 -20.96
CA ARG A 42 -21.63 7.33 -21.69
C ARG A 42 -22.48 8.58 -21.46
N LYS A 43 -21.80 9.73 -21.48
CA LYS A 43 -22.43 11.01 -21.19
C LYS A 43 -21.50 12.12 -21.65
N GLN A 44 -22.08 13.14 -22.28
CA GLN A 44 -21.36 14.36 -22.60
C GLN A 44 -21.45 15.29 -21.40
N VAL A 45 -20.29 15.79 -20.94
CA VAL A 45 -20.19 16.59 -19.72
C VAL A 45 -19.26 17.77 -19.99
N VAL A 46 -19.15 18.65 -19.00
CA VAL A 46 -18.25 19.79 -19.04
C VAL A 46 -17.27 19.69 -17.87
N ILE A 47 -15.99 19.70 -18.17
CA ILE A 47 -14.96 19.68 -17.15
C ILE A 47 -14.01 20.85 -17.38
N ASP A 48 -13.95 21.76 -16.40
CA ASP A 48 -13.11 22.96 -16.46
C ASP A 48 -13.43 23.80 -17.69
N GLY A 49 -14.69 23.81 -18.11
CA GLY A 49 -15.10 24.62 -19.22
C GLY A 49 -15.01 23.98 -20.59
N GLU A 50 -14.46 22.77 -20.70
CA GLU A 50 -14.33 22.09 -21.98
C GLU A 50 -15.29 20.91 -22.01
N THR A 51 -16.04 20.80 -23.10
CA THR A 51 -16.98 19.71 -23.28
C THR A 51 -16.26 18.45 -23.76
N CYS A 52 -16.64 17.31 -23.20
CA CYS A 52 -16.07 16.04 -23.58
C CYS A 52 -17.09 14.94 -23.36
N LEU A 53 -16.79 13.76 -23.89
CA LEU A 53 -17.63 12.59 -23.73
C LEU A 53 -16.93 11.59 -22.83
N LEU A 54 -17.63 11.13 -21.80
CA LEU A 54 -17.10 10.11 -20.91
C LEU A 54 -17.66 8.75 -21.32
N ASP A 55 -16.78 7.77 -21.48
CA ASP A 55 -17.16 6.39 -21.74
C ASP A 55 -16.66 5.57 -20.56
N ILE A 56 -17.59 5.11 -19.72
CA ILE A 56 -17.26 4.57 -18.40
C ILE A 56 -17.56 3.08 -18.35
N LEU A 57 -16.54 2.26 -18.09
CA LEU A 57 -16.75 0.83 -17.94
C LEU A 57 -16.95 0.50 -16.46
N ASP A 58 -18.15 -0.01 -16.13
CA ASP A 58 -18.50 -0.45 -14.78
C ASP A 58 -18.20 -1.95 -14.70
N THR A 59 -17.09 -2.31 -14.03
CA THR A 59 -16.63 -3.69 -14.11
C THR A 59 -17.43 -4.60 -13.20
N ALA A 60 -17.56 -5.85 -13.63
CA ALA A 60 -18.29 -6.87 -12.87
C ALA A 60 -17.86 -8.23 -13.41
N GLY A 61 -18.14 -9.27 -12.63
CA GLY A 61 -17.92 -10.63 -13.06
C GLY A 61 -16.80 -11.32 -12.29
N GLN A 62 -16.06 -12.18 -12.98
CA GLN A 62 -15.01 -12.97 -12.36
C GLN A 62 -13.64 -12.35 -12.58
N GLU A 63 -12.76 -12.58 -11.60
CA GLU A 63 -11.34 -12.26 -11.69
C GLU A 63 -10.66 -13.29 -12.59
N GLU A 64 -10.04 -12.82 -13.68
CA GLU A 64 -9.36 -13.71 -14.61
C GLU A 64 -8.37 -12.88 -15.44
N TYR A 65 -7.31 -13.53 -15.89
CA TYR A 65 -6.18 -12.84 -16.47
C TYR A 65 -5.86 -13.33 -17.88
N SER A 66 -6.89 -13.66 -18.64
CA SER A 66 -6.68 -14.04 -20.02
C SER A 66 -6.12 -12.87 -20.82
N ALA A 67 -5.52 -13.19 -21.96
CA ALA A 67 -5.02 -12.16 -22.87
C ALA A 67 -6.11 -11.18 -23.25
N MET A 68 -7.32 -11.69 -23.52
CA MET A 68 -8.40 -10.82 -23.96
C MET A 68 -8.86 -9.88 -22.83
N ARG A 69 -8.89 -10.36 -21.59
CA ARG A 69 -9.31 -9.49 -20.49
C ARG A 69 -8.28 -8.39 -20.25
N ASP A 70 -7.00 -8.76 -20.22
CA ASP A 70 -5.92 -7.77 -20.17
C ASP A 70 -6.05 -6.73 -21.28
N GLN A 71 -6.32 -7.18 -22.51
CA GLN A 71 -6.37 -6.23 -23.63
C GLN A 71 -7.53 -5.27 -23.48
N TYR A 72 -8.65 -5.76 -22.92
CA TYR A 72 -9.81 -4.91 -22.74
C TYR A 72 -9.55 -3.86 -21.66
N MET A 73 -9.00 -4.27 -20.51
CA MET A 73 -8.64 -3.30 -19.49
C MET A 73 -7.58 -2.33 -19.99
N ARG A 74 -6.68 -2.80 -20.85
CA ARG A 74 -5.63 -1.94 -21.36
C ARG A 74 -6.18 -0.74 -22.13
N THR A 75 -7.42 -0.83 -22.65
CA THR A 75 -8.02 0.31 -23.35
C THR A 75 -8.50 1.42 -22.42
N GLY A 76 -8.57 1.19 -21.12
CA GLY A 76 -8.88 2.29 -20.21
C GLY A 76 -7.78 3.33 -20.19
N GLU A 77 -8.17 4.60 -20.16
CA GLU A 77 -7.18 5.66 -20.06
C GLU A 77 -6.96 6.12 -18.62
N GLY A 78 -7.97 5.97 -17.77
CA GLY A 78 -7.83 6.26 -16.35
C GLY A 78 -8.73 5.33 -15.57
N PHE A 79 -8.37 5.09 -14.31
CA PHE A 79 -9.04 4.09 -13.48
C PHE A 79 -9.48 4.71 -12.17
N LEU A 80 -10.75 4.52 -11.80
CA LEU A 80 -11.23 4.88 -10.45
C LEU A 80 -11.05 3.61 -9.60
N CYS A 81 -10.17 3.64 -8.61
CA CYS A 81 -10.03 2.49 -7.71
C CYS A 81 -10.90 2.75 -6.49
N VAL A 82 -11.98 1.97 -6.36
CA VAL A 82 -13.02 2.24 -5.38
C VAL A 82 -12.93 1.21 -4.26
N PHE A 83 -12.98 1.68 -3.03
CA PHE A 83 -13.26 0.87 -1.86
C PHE A 83 -14.42 1.54 -1.14
N ALA A 84 -14.97 0.84 -0.14
CA ALA A 84 -16.05 1.39 0.69
C ALA A 84 -15.51 1.69 2.08
N ILE A 85 -15.78 2.90 2.58
CA ILE A 85 -15.20 3.32 3.85
C ILE A 85 -15.69 2.54 5.05
N ASN A 86 -16.70 1.68 4.89
CA ASN A 86 -17.15 0.78 5.96
C ASN A 86 -16.72 -0.66 5.74
N ASN A 87 -15.80 -0.91 4.80
CA ASN A 87 -15.35 -2.27 4.47
C ASN A 87 -13.83 -2.28 4.39
N THR A 88 -13.18 -2.73 5.48
CA THR A 88 -11.72 -2.68 5.53
C THR A 88 -11.10 -3.60 4.49
N LYS A 89 -11.70 -4.76 4.24
CA LYS A 89 -11.13 -5.68 3.26
C LYS A 89 -11.06 -5.04 1.88
N SER A 90 -12.09 -4.28 1.48
CA SER A 90 -12.09 -3.63 0.18
C SER A 90 -10.95 -2.62 0.06
N PHE A 91 -10.63 -1.93 1.16
CA PHE A 91 -9.46 -1.05 1.20
C PHE A 91 -8.16 -1.84 1.09
N GLU A 92 -8.07 -2.97 1.78
CA GLU A 92 -6.85 -3.76 1.74
C GLU A 92 -6.58 -4.30 0.34
N ASP A 93 -7.64 -4.59 -0.42
CA ASP A 93 -7.54 -5.07 -1.79
C ASP A 93 -7.05 -4.01 -2.77
N ILE A 94 -7.03 -2.72 -2.40
CA ILE A 94 -6.70 -1.67 -3.36
C ILE A 94 -5.32 -1.90 -3.99
N HIS A 95 -4.34 -2.32 -3.18
CA HIS A 95 -3.00 -2.51 -3.72
C HIS A 95 -3.02 -3.48 -4.90
N HIS A 96 -3.78 -4.57 -4.78
CA HIS A 96 -3.90 -5.55 -5.86
C HIS A 96 -4.46 -4.92 -7.14
N TYR A 97 -5.48 -4.06 -7.02
CA TYR A 97 -6.06 -3.46 -8.22
C TYR A 97 -5.05 -2.52 -8.90
N ARG A 98 -4.36 -1.69 -8.10
CA ARG A 98 -3.33 -0.82 -8.66
C ARG A 98 -2.24 -1.64 -9.33
N GLU A 99 -1.88 -2.78 -8.72
CA GLU A 99 -0.87 -3.65 -9.31
C GLU A 99 -1.25 -4.15 -10.69
N GLN A 100 -2.52 -4.54 -10.89
CA GLN A 100 -2.92 -5.06 -12.19
C GLN A 100 -3.01 -3.94 -13.22
N ILE A 101 -3.49 -2.76 -12.81
CA ILE A 101 -3.49 -1.59 -13.70
C ILE A 101 -2.08 -1.30 -14.20
N LYS A 102 -1.12 -1.14 -13.28
CA LYS A 102 0.26 -0.88 -13.67
C LYS A 102 0.80 -1.97 -14.59
N ARG A 103 0.39 -3.23 -14.35
CA ARG A 103 0.92 -4.33 -15.13
C ARG A 103 0.41 -4.27 -16.58
N VAL A 104 -0.90 -4.13 -16.78
CA VAL A 104 -1.38 -4.18 -18.16
C VAL A 104 -1.08 -2.88 -18.89
N LYS A 105 -1.13 -1.72 -18.20
CA LYS A 105 -0.74 -0.47 -18.83
C LYS A 105 0.76 -0.32 -18.97
N ASP A 106 1.54 -1.18 -18.29
CA ASP A 106 3.00 -1.19 -18.39
C ASP A 106 3.59 0.16 -18.00
N SER A 107 3.10 0.73 -16.91
CA SER A 107 3.55 2.05 -16.52
C SER A 107 3.18 2.29 -15.06
N ASP A 108 4.04 3.00 -14.34
CA ASP A 108 3.71 3.44 -12.99
C ASP A 108 3.10 4.82 -12.99
N ASP A 109 2.77 5.33 -14.17
CA ASP A 109 2.25 6.69 -14.28
C ASP A 109 0.87 6.66 -14.92
N VAL A 110 0.00 5.79 -14.42
CA VAL A 110 -1.34 5.66 -14.99
C VAL A 110 -2.28 6.63 -14.30
N PRO A 111 -3.08 7.39 -15.03
CA PRO A 111 -4.09 8.24 -14.38
C PRO A 111 -5.03 7.39 -13.55
N MET A 112 -5.13 7.73 -12.26
CA MET A 112 -5.80 6.93 -11.27
C MET A 112 -6.31 7.84 -10.17
N VAL A 113 -7.46 7.50 -9.60
CA VAL A 113 -7.99 8.19 -8.43
C VAL A 113 -8.45 7.14 -7.43
N LEU A 114 -8.09 7.31 -6.17
CA LEU A 114 -8.59 6.46 -5.10
C LEU A 114 -9.88 7.06 -4.56
N VAL A 115 -10.94 6.25 -4.52
CA VAL A 115 -12.26 6.70 -4.10
C VAL A 115 -12.66 5.87 -2.90
N GLY A 116 -12.95 6.55 -1.77
CA GLY A 116 -13.61 5.95 -0.63
C GLY A 116 -15.09 6.26 -0.68
N ASN A 117 -15.90 5.26 -1.05
CA ASN A 117 -17.32 5.45 -1.29
C ASN A 117 -18.15 5.10 -0.04
N LYS A 118 -19.43 5.49 -0.08
CA LYS A 118 -20.42 5.33 1.00
C LYS A 118 -20.11 6.26 2.18
N SER A 119 -19.61 7.44 1.86
CA SER A 119 -19.25 8.37 2.92
C SER A 119 -20.46 8.87 3.72
N ASP A 120 -21.69 8.62 3.26
CA ASP A 120 -22.87 8.96 4.04
C ASP A 120 -23.08 8.04 5.25
N LEU A 121 -22.41 6.90 5.29
CA LEU A 121 -22.60 5.94 6.38
C LEU A 121 -21.89 6.38 7.64
N ALA A 122 -22.50 6.10 8.79
CA ALA A 122 -21.87 6.41 10.07
C ALA A 122 -20.77 5.40 10.40
N ALA A 123 -20.99 4.13 10.06
CA ALA A 123 -20.15 3.04 10.59
C ALA A 123 -18.89 2.84 9.74
N ARG A 124 -18.06 3.88 9.75
CA ARG A 124 -16.78 3.87 9.05
C ARG A 124 -15.76 2.96 9.72
N THR A 125 -15.03 2.18 8.91
CA THR A 125 -13.92 1.39 9.41
C THR A 125 -12.57 1.82 8.86
N VAL A 126 -12.53 2.58 7.77
CA VAL A 126 -11.29 3.07 7.19
C VAL A 126 -11.24 4.57 7.45
N GLU A 127 -10.27 5.03 8.25
CA GLU A 127 -10.15 6.45 8.50
C GLU A 127 -9.73 7.17 7.21
N SER A 128 -10.28 8.36 7.00
CA SER A 128 -9.90 9.14 5.82
C SER A 128 -8.39 9.28 5.73
N ARG A 129 -7.75 9.57 6.86
CA ARG A 129 -6.31 9.82 6.87
C ARG A 129 -5.52 8.61 6.40
N GLN A 130 -5.99 7.39 6.66
CA GLN A 130 -5.17 6.28 6.18
C GLN A 130 -5.31 6.08 4.69
N ALA A 131 -6.50 6.33 4.13
CA ALA A 131 -6.65 6.28 2.68
C ALA A 131 -5.95 7.46 2.00
N GLN A 132 -5.99 8.64 2.63
CA GLN A 132 -5.30 9.78 2.06
C GLN A 132 -3.79 9.53 2.02
N ASP A 133 -3.24 8.93 3.07
CA ASP A 133 -1.81 8.64 3.09
C ASP A 133 -1.45 7.55 2.08
N LEU A 134 -2.32 6.55 1.91
CA LEU A 134 -2.10 5.53 0.89
C LEU A 134 -2.06 6.18 -0.49
N ALA A 135 -3.06 7.01 -0.81
CA ALA A 135 -3.08 7.72 -2.08
C ALA A 135 -1.79 8.54 -2.28
N ARG A 136 -1.34 9.23 -1.23
CA ARG A 136 -0.09 9.96 -1.32
C ARG A 136 1.08 9.05 -1.66
N SER A 137 1.14 7.85 -1.06
CA SER A 137 2.23 6.93 -1.39
C SER A 137 2.17 6.48 -2.85
N TYR A 138 0.96 6.43 -3.42
CA TYR A 138 0.80 6.12 -4.85
C TYR A 138 1.04 7.33 -5.74
N GLY A 139 0.99 8.53 -5.17
CA GLY A 139 1.02 9.76 -5.96
C GLY A 139 -0.26 10.05 -6.70
N ILE A 140 -1.41 9.73 -6.13
CA ILE A 140 -2.70 9.91 -6.80
C ILE A 140 -3.66 10.60 -5.83
N PRO A 141 -4.68 11.27 -6.36
CA PRO A 141 -5.66 11.91 -5.49
C PRO A 141 -6.55 10.88 -4.81
N TYR A 142 -7.09 11.29 -3.66
CA TYR A 142 -8.07 10.52 -2.90
C TYR A 142 -9.32 11.36 -2.74
N ILE A 143 -10.47 10.82 -3.09
CA ILE A 143 -11.73 11.54 -3.00
C ILE A 143 -12.77 10.64 -2.33
N GLU A 144 -13.49 11.18 -1.37
CA GLU A 144 -14.55 10.42 -0.73
C GLU A 144 -15.88 10.79 -1.36
N THR A 145 -16.71 9.78 -1.60
CA THR A 145 -17.96 9.95 -2.33
C THR A 145 -19.11 9.30 -1.57
N SER A 146 -20.33 9.75 -1.88
CA SER A 146 -21.54 8.98 -1.59
C SER A 146 -22.34 8.89 -2.87
N ALA A 147 -22.44 7.70 -3.45
CA ALA A 147 -23.36 7.53 -4.58
C ALA A 147 -24.80 7.77 -4.16
N LYS A 148 -25.11 7.61 -2.88
CA LYS A 148 -26.48 7.84 -2.41
C LYS A 148 -26.83 9.33 -2.45
N THR A 149 -25.95 10.18 -1.93
CA THR A 149 -26.28 11.60 -1.85
C THR A 149 -25.75 12.39 -3.02
N ARG A 150 -24.87 11.81 -3.84
CA ARG A 150 -24.12 12.39 -4.96
C ARG A 150 -22.92 13.22 -4.47
N GLN A 151 -22.73 13.37 -3.17
CA GLN A 151 -21.58 14.08 -2.64
C GLN A 151 -20.27 13.53 -3.19
N GLY A 152 -19.46 14.41 -3.77
CA GLY A 152 -18.13 14.05 -4.27
C GLY A 152 -18.09 13.28 -5.58
N VAL A 153 -19.25 12.87 -6.11
CA VAL A 153 -19.25 11.97 -7.26
C VAL A 153 -18.66 12.65 -8.50
N GLU A 154 -19.15 13.85 -8.82
CA GLU A 154 -18.58 14.57 -9.95
C GLU A 154 -17.10 14.87 -9.72
N ASP A 155 -16.74 15.28 -8.49
CA ASP A 155 -15.34 15.56 -8.19
C ASP A 155 -14.47 14.33 -8.46
N ALA A 156 -14.96 13.15 -8.12
CA ALA A 156 -14.15 11.95 -8.29
C ALA A 156 -13.88 11.67 -9.77
N PHE A 157 -14.95 11.57 -10.58
CA PHE A 157 -14.77 11.25 -12.00
C PHE A 157 -14.03 12.37 -12.74
N TYR A 158 -14.34 13.63 -12.41
CA TYR A 158 -13.78 14.74 -13.17
C TYR A 158 -12.30 14.93 -12.84
N THR A 159 -11.93 14.73 -11.56
CA THR A 159 -10.52 14.72 -11.20
C THR A 159 -9.78 13.67 -12.00
N LEU A 160 -10.40 12.51 -12.22
CA LEU A 160 -9.76 11.48 -13.02
C LEU A 160 -9.51 11.98 -14.44
N VAL A 161 -10.49 12.67 -15.03
CA VAL A 161 -10.30 13.25 -16.35
C VAL A 161 -9.15 14.25 -16.34
N ARG A 162 -9.12 15.10 -15.32
CA ARG A 162 -8.01 16.05 -15.19
C ARG A 162 -6.67 15.32 -15.15
N GLU A 163 -6.60 14.20 -14.44
CA GLU A 163 -5.36 13.42 -14.44
C GLU A 163 -4.99 12.97 -15.85
N ILE A 164 -5.97 12.45 -16.60
CA ILE A 164 -5.71 12.02 -17.97
C ILE A 164 -5.17 13.17 -18.81
N ARG A 165 -5.76 14.36 -18.64
CA ARG A 165 -5.34 15.52 -19.41
C ARG A 165 -3.92 15.93 -19.04
N GLN A 166 -3.64 16.05 -17.74
CA GLN A 166 -2.28 16.40 -17.34
C GLN A 166 -1.29 15.32 -17.74
N HIS A 167 -1.72 14.06 -17.76
CA HIS A 167 -0.85 12.95 -18.16
C HIS A 167 -0.50 12.97 -19.65
N LYS A 168 -1.21 13.74 -20.47
CA LYS A 168 -0.79 13.92 -21.86
C LYS A 168 0.53 14.68 -21.94
N LEU A 169 0.62 15.81 -21.25
CA LEU A 169 1.80 16.66 -21.29
C LEU A 169 2.94 16.08 -20.44
N GLY B 1 17.66 -6.19 35.85
CA GLY B 1 16.95 -7.23 35.12
C GLY B 1 17.08 -7.04 33.62
N MET B 2 16.30 -7.79 32.84
CA MET B 2 16.42 -7.70 31.39
C MET B 2 15.13 -8.16 30.73
N THR B 3 14.61 -7.34 29.82
CA THR B 3 13.48 -7.72 29.00
C THR B 3 13.95 -8.30 27.68
N GLU B 4 13.31 -9.39 27.26
CA GLU B 4 13.63 -10.03 25.97
C GLU B 4 12.66 -9.57 24.89
N TYR B 5 13.20 -9.28 23.69
CA TYR B 5 12.43 -8.82 22.54
C TYR B 5 12.75 -9.70 21.34
N LYS B 6 11.73 -10.35 20.80
CA LYS B 6 11.87 -11.19 19.61
C LYS B 6 11.58 -10.34 18.36
N LEU B 7 12.61 -10.03 17.60
CA LEU B 7 12.49 -9.21 16.40
C LEU B 7 12.71 -10.06 15.15
N VAL B 8 11.88 -9.83 14.13
CA VAL B 8 11.99 -10.53 12.86
C VAL B 8 12.24 -9.51 11.77
N VAL B 9 13.28 -9.75 10.97
CA VAL B 9 13.65 -8.84 9.89
C VAL B 9 13.20 -9.46 8.58
N VAL B 10 12.29 -8.78 7.88
CA VAL B 10 11.68 -9.32 6.66
C VAL B 10 11.84 -8.32 5.52
N GLY B 11 11.62 -8.78 4.30
CA GLY B 11 11.80 -7.92 3.15
C GLY B 11 12.40 -8.62 1.94
N ALA B 12 12.29 -8.04 0.76
CA ALA B 12 12.69 -8.74 -0.47
C ALA B 12 14.17 -9.10 -0.47
N ASP B 13 14.52 -10.06 -1.33
CA ASP B 13 15.91 -10.48 -1.49
C ASP B 13 16.84 -9.30 -1.81
N GLY B 14 17.93 -9.19 -1.06
CA GLY B 14 18.97 -8.22 -1.34
C GLY B 14 18.78 -6.83 -0.74
N VAL B 15 17.68 -6.58 -0.03
CA VAL B 15 17.47 -5.24 0.51
C VAL B 15 18.43 -4.92 1.64
N GLY B 16 19.12 -5.90 2.21
CA GLY B 16 20.05 -5.66 3.30
C GLY B 16 19.61 -6.16 4.69
N LYS B 17 18.74 -7.17 4.77
CA LYS B 17 18.33 -7.74 6.05
C LYS B 17 19.53 -8.25 6.85
N SER B 18 20.40 -9.02 6.19
CA SER B 18 21.53 -9.59 6.90
C SER B 18 22.53 -8.51 7.31
N ALA B 19 22.83 -7.60 6.39
CA ALA B 19 23.81 -6.56 6.66
C ALA B 19 23.37 -5.65 7.80
N LEU B 20 22.08 -5.33 7.86
CA LEU B 20 21.52 -4.58 8.98
C LEU B 20 21.71 -5.33 10.29
N THR B 21 21.32 -6.60 10.31
CA THR B 21 21.48 -7.40 11.51
C THR B 21 22.94 -7.49 11.93
N ILE B 22 23.80 -7.93 11.03
CA ILE B 22 25.22 -8.08 11.36
C ILE B 22 25.81 -6.75 11.81
N GLN B 23 25.40 -5.64 11.17
CA GLN B 23 25.91 -4.33 11.56
C GLN B 23 25.52 -4.00 13.00
N LEU B 24 24.29 -4.32 13.38
CA LEU B 24 23.84 -4.08 14.75
C LEU B 24 24.58 -5.01 15.72
N ILE B 25 24.68 -6.29 15.39
CA ILE B 25 25.26 -7.27 16.30
C ILE B 25 26.77 -7.11 16.37
N GLN B 26 27.43 -7.06 15.23
CA GLN B 26 28.89 -7.18 15.17
C GLN B 26 29.58 -5.90 14.70
N ASN B 27 28.85 -4.80 14.55
CA ASN B 27 29.42 -3.47 14.31
C ASN B 27 30.21 -3.38 13.01
N HIS B 28 29.98 -4.27 12.05
CA HIS B 28 30.72 -4.22 10.80
C HIS B 28 29.81 -4.56 9.63
N PHE B 29 30.23 -4.14 8.45
CA PHE B 29 29.44 -4.26 7.23
C PHE B 29 29.95 -5.43 6.40
N VAL B 30 29.06 -6.36 6.06
CA VAL B 30 29.41 -7.50 5.22
C VAL B 30 29.02 -7.18 3.78
N ASP B 31 29.94 -7.41 2.84
CA ASP B 31 29.66 -7.23 1.43
C ASP B 31 29.07 -8.46 0.78
N GLU B 32 29.28 -9.64 1.37
CA GLU B 32 28.72 -10.89 0.88
C GLU B 32 28.00 -11.61 2.02
N ILE B 37 21.36 -17.79 3.83
CA ILE B 37 21.45 -18.43 5.14
C ILE B 37 20.56 -17.72 6.17
N GLU B 38 19.54 -18.39 6.69
CA GLU B 38 18.68 -17.79 7.70
C GLU B 38 19.18 -18.18 9.08
N ASP B 39 19.19 -17.22 9.98
CA ASP B 39 19.77 -17.44 11.30
C ASP B 39 19.16 -16.44 12.26
N SER B 40 19.32 -16.74 13.56
CA SER B 40 18.90 -15.83 14.60
C SER B 40 20.11 -15.43 15.43
N TYR B 41 20.07 -14.19 15.93
CA TYR B 41 21.18 -13.58 16.64
C TYR B 41 20.65 -12.99 17.95
N ARG B 42 21.44 -13.11 19.00
CA ARG B 42 21.07 -12.53 20.28
C ARG B 42 22.06 -11.44 20.65
N LYS B 43 21.56 -10.31 21.14
CA LYS B 43 22.48 -9.29 21.64
C LYS B 43 21.85 -8.54 22.80
N GLN B 44 22.63 -8.36 23.87
CA GLN B 44 22.27 -7.48 24.96
C GLN B 44 22.67 -6.05 24.60
N VAL B 45 21.74 -5.11 24.80
CA VAL B 45 21.95 -3.70 24.51
C VAL B 45 21.19 -2.92 25.55
N VAL B 46 21.52 -1.64 25.68
CA VAL B 46 20.78 -0.71 26.53
C VAL B 46 19.95 0.20 25.64
N ILE B 47 18.65 0.30 25.93
CA ILE B 47 17.73 1.15 25.18
C ILE B 47 16.94 1.98 26.19
N ASP B 48 17.08 3.31 26.09
CA ASP B 48 16.40 4.22 27.00
C ASP B 48 16.63 3.83 28.47
N GLY B 49 17.89 3.55 28.78
CA GLY B 49 18.29 3.28 30.15
C GLY B 49 18.03 1.87 30.65
N GLU B 50 17.39 1.02 29.85
CA GLU B 50 17.00 -0.32 30.25
C GLU B 50 17.76 -1.37 29.43
N THR B 51 18.34 -2.34 30.12
CA THR B 51 19.05 -3.42 29.44
C THR B 51 18.06 -4.38 28.79
N CYS B 52 18.28 -4.67 27.50
CA CYS B 52 17.37 -5.46 26.68
C CYS B 52 18.14 -6.60 26.02
N LEU B 53 17.50 -7.77 25.96
CA LEU B 53 17.99 -8.90 25.19
C LEU B 53 17.24 -8.94 23.87
N LEU B 54 17.95 -8.67 22.77
CA LEU B 54 17.35 -8.72 21.44
C LEU B 54 17.61 -10.09 20.82
N ASP B 55 16.53 -10.79 20.51
CA ASP B 55 16.58 -12.04 19.77
C ASP B 55 16.09 -11.73 18.36
N ILE B 56 17.01 -11.69 17.39
CA ILE B 56 16.73 -11.16 16.05
C ILE B 56 16.77 -12.31 15.04
N LEU B 57 15.68 -12.48 14.30
CA LEU B 57 15.59 -13.49 13.25
C LEU B 57 15.85 -12.81 11.90
N ASP B 58 16.96 -13.15 11.27
CA ASP B 58 17.32 -12.62 9.96
C ASP B 58 16.78 -13.60 8.90
N THR B 59 15.65 -13.26 8.27
CA THR B 59 14.94 -14.25 7.44
C THR B 59 15.62 -14.42 6.09
N ALA B 60 15.53 -15.65 5.58
CA ALA B 60 16.08 -15.97 4.26
C ALA B 60 15.50 -17.30 3.81
N GLY B 61 15.61 -17.55 2.52
CA GLY B 61 15.16 -18.82 1.99
C GLY B 61 13.96 -18.70 1.08
N GLN B 62 13.02 -19.63 1.21
CA GLN B 62 11.93 -19.80 0.25
C GLN B 62 10.64 -19.27 0.84
N GLU B 63 9.82 -18.68 -0.03
CA GLU B 63 8.50 -18.24 0.38
C GLU B 63 7.58 -19.46 0.49
N GLU B 64 7.04 -19.71 1.69
CA GLU B 64 6.08 -20.79 1.84
C GLU B 64 5.24 -20.56 3.08
N TYR B 65 4.06 -21.19 3.08
CA TYR B 65 2.99 -20.86 4.00
C TYR B 65 2.51 -22.08 4.75
N SER B 66 3.43 -23.02 5.02
CA SER B 66 3.11 -24.18 5.85
C SER B 66 2.70 -23.72 7.25
N ALA B 67 2.00 -24.61 7.97
CA ALA B 67 1.59 -24.30 9.33
C ALA B 67 2.81 -24.03 10.21
N MET B 68 3.88 -24.81 10.02
CA MET B 68 5.11 -24.61 10.79
C MET B 68 5.70 -23.22 10.54
N ARG B 69 5.80 -22.83 9.27
CA ARG B 69 6.36 -21.51 8.95
C ARG B 69 5.54 -20.39 9.56
N ASP B 70 4.20 -20.48 9.46
CA ASP B 70 3.33 -19.50 10.09
C ASP B 70 3.54 -19.45 11.59
N GLN B 71 3.56 -20.62 12.24
CA GLN B 71 3.76 -20.71 13.68
C GLN B 71 5.08 -20.06 14.10
N TYR B 72 6.15 -20.35 13.36
CA TYR B 72 7.46 -19.75 13.63
C TYR B 72 7.41 -18.22 13.55
N MET B 73 6.87 -17.70 12.45
CA MET B 73 6.76 -16.25 12.29
C MET B 73 5.85 -15.63 13.34
N ARG B 74 4.87 -16.40 13.81
CA ARG B 74 3.93 -15.93 14.80
C ARG B 74 4.62 -15.63 16.14
N THR B 75 5.76 -16.30 16.42
CA THR B 75 6.50 -16.03 17.65
C THR B 75 7.15 -14.65 17.67
N GLY B 76 7.28 -14.01 16.50
CA GLY B 76 7.84 -12.68 16.47
C GLY B 76 6.97 -11.69 17.23
N GLU B 77 7.58 -10.86 18.07
CA GLU B 77 6.87 -9.77 18.72
C GLU B 77 6.87 -8.48 17.92
N GLY B 78 7.85 -8.29 17.04
CA GLY B 78 7.92 -7.07 16.25
C GLY B 78 8.65 -7.34 14.96
N PHE B 79 8.30 -6.58 13.93
CA PHE B 79 8.82 -6.83 12.59
C PHE B 79 9.47 -5.58 12.00
N LEU B 80 10.66 -5.75 11.46
CA LEU B 80 11.31 -4.76 10.62
C LEU B 80 10.99 -5.11 9.17
N CYS B 81 10.22 -4.26 8.52
CA CYS B 81 9.90 -4.42 7.11
C CYS B 81 10.86 -3.55 6.31
N VAL B 82 11.76 -4.20 5.58
CA VAL B 82 12.89 -3.54 4.92
C VAL B 82 12.69 -3.57 3.40
N PHE B 83 12.89 -2.41 2.78
CA PHE B 83 13.07 -2.30 1.33
C PHE B 83 14.36 -1.50 1.10
N ALA B 84 14.78 -1.41 -0.16
CA ALA B 84 15.95 -0.63 -0.54
C ALA B 84 15.50 0.61 -1.30
N ILE B 85 16.05 1.77 -0.93
CA ILE B 85 15.62 3.03 -1.54
C ILE B 85 16.04 3.14 -2.99
N ASN B 86 16.87 2.22 -3.48
CA ASN B 86 17.27 2.14 -4.88
C ASN B 86 16.55 1.00 -5.62
N ASN B 87 15.42 0.53 -5.09
CA ASN B 87 14.74 -0.60 -5.73
C ASN B 87 13.24 -0.49 -5.47
N THR B 88 12.53 0.03 -6.47
CA THR B 88 11.10 0.26 -6.37
C THR B 88 10.34 -1.04 -6.13
N LYS B 89 10.74 -2.13 -6.79
CA LYS B 89 10.02 -3.39 -6.60
C LYS B 89 10.03 -3.82 -5.12
N SER B 90 11.17 -3.68 -4.44
CA SER B 90 11.19 -4.08 -3.04
C SER B 90 10.25 -3.22 -2.20
N PHE B 91 10.07 -1.95 -2.58
CA PHE B 91 9.10 -1.09 -1.91
C PHE B 91 7.67 -1.57 -2.18
N GLU B 92 7.37 -1.85 -3.45
CA GLU B 92 6.05 -2.34 -3.82
C GLU B 92 5.70 -3.68 -3.16
N ASP B 93 6.72 -4.45 -2.74
CA ASP B 93 6.48 -5.70 -2.03
C ASP B 93 6.09 -5.50 -0.56
N ILE B 94 6.32 -4.31 0.01
CA ILE B 94 6.08 -4.09 1.43
C ILE B 94 4.63 -4.44 1.80
N HIS B 95 3.68 -4.09 0.94
CA HIS B 95 2.28 -4.45 1.21
C HIS B 95 2.14 -5.94 1.52
N HIS B 96 2.78 -6.79 0.71
CA HIS B 96 2.71 -8.23 0.89
C HIS B 96 3.22 -8.65 2.26
N TYR B 97 4.40 -8.14 2.67
CA TYR B 97 4.96 -8.56 3.97
C TYR B 97 4.04 -8.16 5.13
N ARG B 98 3.55 -6.92 5.13
CA ARG B 98 2.62 -6.48 6.18
C ARG B 98 1.35 -7.31 6.20
N GLU B 99 0.84 -7.69 5.03
CA GLU B 99 -0.38 -8.49 5.00
C GLU B 99 -0.15 -9.87 5.61
N GLN B 100 1.03 -10.47 5.37
CA GLN B 100 1.30 -11.77 5.97
C GLN B 100 1.51 -11.67 7.47
N ILE B 101 2.14 -10.59 7.93
CA ILE B 101 2.30 -10.37 9.37
C ILE B 101 0.92 -10.25 10.03
N LYS B 102 0.05 -9.42 9.46
CA LYS B 102 -1.29 -9.26 10.00
C LYS B 102 -2.02 -10.58 10.01
N ARG B 103 -1.84 -11.40 8.97
CA ARG B 103 -2.53 -12.66 8.88
C ARG B 103 -2.13 -13.60 10.01
N VAL B 104 -0.81 -13.80 10.23
CA VAL B 104 -0.42 -14.83 11.19
C VAL B 104 -0.58 -14.34 12.62
N LYS B 105 -0.32 -13.05 12.88
CA LYS B 105 -0.52 -12.49 14.22
C LYS B 105 -1.99 -12.21 14.52
N ASP B 106 -2.84 -12.23 13.49
CA ASP B 106 -4.28 -12.03 13.61
C ASP B 106 -4.59 -10.72 14.33
N SER B 107 -4.02 -9.62 13.83
CA SER B 107 -4.12 -8.32 14.48
C SER B 107 -3.71 -7.24 13.47
N ASP B 108 -4.39 -6.08 13.52
CA ASP B 108 -3.95 -4.90 12.80
C ASP B 108 -2.97 -4.08 13.59
N ASP B 109 -2.53 -4.56 14.75
CA ASP B 109 -1.82 -3.73 15.70
C ASP B 109 -0.49 -4.35 16.12
N VAL B 110 0.25 -4.90 15.15
CA VAL B 110 1.52 -5.56 15.44
C VAL B 110 2.64 -4.53 15.42
N PRO B 111 3.54 -4.51 16.40
CA PRO B 111 4.66 -3.57 16.33
C PRO B 111 5.47 -3.82 15.06
N MET B 112 5.67 -2.76 14.29
CA MET B 112 6.35 -2.83 13.00
C MET B 112 7.07 -1.52 12.75
N VAL B 113 8.19 -1.59 12.06
CA VAL B 113 8.86 -0.39 11.55
C VAL B 113 9.15 -0.60 10.07
N LEU B 114 8.93 0.46 9.27
CA LEU B 114 9.30 0.48 7.87
C LEU B 114 10.73 0.99 7.78
N VAL B 115 11.60 0.25 7.11
CA VAL B 115 13.02 0.57 6.98
C VAL B 115 13.36 0.71 5.49
N GLY B 116 13.82 1.90 5.11
CA GLY B 116 14.40 2.11 3.79
C GLY B 116 15.91 2.03 3.86
N ASN B 117 16.48 0.91 3.45
CA ASN B 117 17.89 0.65 3.59
C ASN B 117 18.67 1.11 2.36
N LYS B 118 20.00 1.23 2.53
CA LYS B 118 20.95 1.67 1.50
C LYS B 118 20.82 3.17 1.23
N SER B 119 20.63 3.95 2.30
CA SER B 119 20.48 5.40 2.17
C SER B 119 21.78 6.06 1.71
N ASP B 120 22.90 5.35 1.75
CA ASP B 120 24.17 5.88 1.29
C ASP B 120 24.26 5.97 -0.23
N LEU B 121 23.35 5.32 -0.95
CA LEU B 121 23.44 5.23 -2.40
C LEU B 121 22.82 6.45 -3.06
N ALA B 122 23.44 6.90 -4.15
CA ALA B 122 22.89 8.04 -4.87
C ALA B 122 21.72 7.65 -5.77
N ALA B 123 21.65 6.39 -6.21
CA ALA B 123 20.68 5.98 -7.23
C ALA B 123 19.31 5.69 -6.61
N ARG B 124 18.76 6.69 -5.95
CA ARG B 124 17.52 6.52 -5.21
C ARG B 124 16.33 6.51 -6.16
N THR B 125 15.49 5.47 -6.05
CA THR B 125 14.27 5.40 -6.83
C THR B 125 13.00 5.53 -5.99
N VAL B 126 13.09 5.39 -4.67
CA VAL B 126 11.95 5.57 -3.77
C VAL B 126 12.15 6.87 -2.99
N GLU B 127 11.24 7.83 -3.18
CA GLU B 127 11.30 9.07 -2.41
C GLU B 127 11.05 8.82 -0.93
N SER B 128 11.86 9.47 -0.07
CA SER B 128 11.61 9.44 1.36
CA SER B 128 11.61 9.42 1.36
C SER B 128 10.17 9.80 1.68
N ARG B 129 9.64 10.81 0.98
CA ARG B 129 8.27 11.25 1.20
C ARG B 129 7.26 10.15 0.90
N GLN B 130 7.55 9.33 -0.11
CA GLN B 130 6.66 8.23 -0.49
C GLN B 130 6.60 7.15 0.61
N ALA B 131 7.76 6.76 1.13
CA ALA B 131 7.79 5.77 2.21
C ALA B 131 7.19 6.33 3.49
N GLN B 132 7.51 7.60 3.82
CA GLN B 132 6.85 8.27 4.95
C GLN B 132 5.34 8.17 4.83
N ASP B 133 4.79 8.45 3.63
CA ASP B 133 3.35 8.39 3.43
C ASP B 133 2.83 6.98 3.66
N LEU B 134 3.54 5.99 3.14
CA LEU B 134 3.10 4.62 3.34
C LEU B 134 3.12 4.27 4.83
N ALA B 135 4.20 4.60 5.53
CA ALA B 135 4.29 4.28 6.95
C ALA B 135 3.21 4.99 7.75
N ARG B 136 2.87 6.23 7.38
CA ARG B 136 1.79 6.94 8.07
C ARG B 136 0.44 6.25 7.84
N SER B 137 0.17 5.77 6.61
CA SER B 137 -1.08 5.06 6.42
C SER B 137 -1.12 3.79 7.26
N TYR B 138 0.04 3.14 7.44
CA TYR B 138 0.13 1.95 8.26
C TYR B 138 0.13 2.27 9.74
N GLY B 139 0.44 3.50 10.13
CA GLY B 139 0.56 3.85 11.53
C GLY B 139 1.86 3.42 12.18
N ILE B 140 2.95 3.33 11.43
CA ILE B 140 4.21 2.80 11.95
C ILE B 140 5.31 3.81 11.64
N PRO B 141 6.42 3.77 12.37
CA PRO B 141 7.54 4.66 12.06
C PRO B 141 8.20 4.28 10.75
N TYR B 142 8.86 5.28 10.16
CA TYR B 142 9.71 5.12 8.97
C TYR B 142 11.13 5.54 9.34
N ILE B 143 12.11 4.65 9.13
CA ILE B 143 13.50 4.99 9.39
C ILE B 143 14.34 4.60 8.19
N GLU B 144 15.14 5.54 7.70
CA GLU B 144 16.07 5.26 6.63
C GLU B 144 17.42 4.88 7.22
N THR B 145 18.06 3.87 6.63
CA THR B 145 19.27 3.29 7.18
C THR B 145 20.30 3.07 6.07
N SER B 146 21.56 3.00 6.48
CA SER B 146 22.63 2.45 5.65
C SER B 146 23.38 1.43 6.48
N ALA B 147 23.26 0.15 6.12
CA ALA B 147 24.08 -0.87 6.74
C ALA B 147 25.56 -0.69 6.41
N LYS B 148 25.86 -0.01 5.30
CA LYS B 148 27.26 0.27 4.95
C LYS B 148 27.90 1.25 5.92
N THR B 149 27.22 2.36 6.22
CA THR B 149 27.80 3.40 7.07
C THR B 149 27.32 3.34 8.51
N ARG B 150 26.40 2.43 8.84
CA ARG B 150 25.76 2.25 10.14
C ARG B 150 24.76 3.35 10.47
N GLN B 151 24.55 4.30 9.55
CA GLN B 151 23.59 5.38 9.77
C GLN B 151 22.17 4.83 10.00
N GLY B 152 21.54 5.25 11.08
CA GLY B 152 20.17 4.89 11.38
C GLY B 152 19.94 3.45 11.78
N VAL B 153 20.99 2.62 11.81
CA VAL B 153 20.81 1.19 12.11
C VAL B 153 20.28 1.02 13.54
N GLU B 154 20.95 1.64 14.52
CA GLU B 154 20.45 1.55 15.89
C GLU B 154 19.05 2.12 16.01
N ASP B 155 18.82 3.30 15.41
CA ASP B 155 17.50 3.91 15.44
C ASP B 155 16.43 2.94 14.96
N ALA B 156 16.73 2.16 13.92
CA ALA B 156 15.70 1.27 13.37
C ALA B 156 15.33 0.17 14.35
N PHE B 157 16.33 -0.56 14.87
CA PHE B 157 16.05 -1.65 15.81
C PHE B 157 15.50 -1.12 17.12
N TYR B 158 16.04 -0.02 17.61
CA TYR B 158 15.59 0.48 18.91
C TYR B 158 14.18 1.04 18.83
N THR B 159 13.86 1.69 17.70
CA THR B 159 12.49 2.15 17.49
C THR B 159 11.52 0.97 17.50
N LEU B 160 11.89 -0.13 16.85
CA LEU B 160 11.04 -1.31 16.88
C LEU B 160 10.82 -1.80 18.32
N VAL B 161 11.89 -1.88 19.11
CA VAL B 161 11.76 -2.27 20.50
C VAL B 161 10.84 -1.29 21.23
N ARG B 162 10.99 0.01 20.98
CA ARG B 162 10.11 1.00 21.61
C ARG B 162 8.65 0.77 21.26
N GLU B 163 8.37 0.43 19.99
CA GLU B 163 7.01 0.09 19.59
C GLU B 163 6.47 -1.10 20.38
N ILE B 164 7.28 -2.14 20.56
CA ILE B 164 6.85 -3.30 21.32
C ILE B 164 6.54 -2.90 22.75
N ARG B 165 7.48 -2.20 23.39
CA ARG B 165 7.26 -1.68 24.74
C ARG B 165 5.94 -0.94 24.85
N GLN B 166 5.66 -0.08 23.86
CA GLN B 166 4.47 0.75 23.89
C GLN B 166 3.20 -0.10 23.76
N HIS B 167 3.24 -1.14 22.92
CA HIS B 167 2.09 -2.03 22.77
C HIS B 167 1.87 -2.90 24.00
N LYS B 168 2.89 -3.08 24.84
CA LYS B 168 2.75 -3.77 26.11
C LYS B 168 2.14 -2.90 27.20
N LEU B 169 1.39 -1.86 26.84
CA LEU B 169 0.78 -0.98 27.82
C LEU B 169 -0.69 -0.76 27.51
#